data_7Y8F
#
_entry.id   7Y8F
#
_cell.length_a   52.741
_cell.length_b   101.584
_cell.length_c   195.304
_cell.angle_alpha   90.000
_cell.angle_beta   90.000
_cell.angle_gamma   90.000
#
_symmetry.space_group_name_H-M   'C 2 2 21'
#
loop_
_entity.id
_entity.type
_entity.pdbx_description
1 polymer 'Estrogen receptor'
2 polymer 'Grip peptide'
3 non-polymer DI(HYDROXYETHYL)ETHER
4 non-polymer '[4-(trifluoromethyl)phenyl] (1~{S},2~{R},4~{S})-5-(4-hydroxyphenyl)-6-[4-(1,2,4-triazol-1-yl)phenyl]-7-oxabicyclo[2.2.1]heptane-2-sulfonate'
5 non-polymer 'SULFATE ION'
6 water water
#
loop_
_entity_poly.entity_id
_entity_poly.type
_entity_poly.pdbx_seq_one_letter_code
_entity_poly.pdbx_strand_id
1 'polypeptide(L)'
;AGAGAGAGAGSLALSLTADQMVSALLDAEPPILYSEYDPTRPFSEASMMGLLTNLADRELVHMINWAKRVPGFVDLTLHD
QVHLLECAWLEILMIGLVWRSMEHPGKLLFAPNLLLDRNQGKCVEGMVEIFDMLLATSSRFRMMNLQGEEFVCLKSIILL
NSGVYTFLSSTLKSLEEKDHIHRVLDKITDTLIHLMAKAGLTLQQQHQRLAQLLLILSHIRHMSNKGMEHLYSMKCKNVV
PLSDLLLEMLDAHRLHAPTS
;
A,B
2 'polypeptide(L)' AILHRLLQ C,D
#
# COMPACT_ATOMS: atom_id res chain seq x y z
N ALA A 7 -22.47 13.60 2.33
CA ALA A 7 -23.23 12.36 2.58
C ALA A 7 -23.29 11.52 1.30
N GLY A 8 -23.73 10.28 1.46
CA GLY A 8 -24.01 9.26 0.43
C GLY A 8 -25.13 8.36 0.94
N ALA A 9 -25.89 8.84 1.91
CA ALA A 9 -27.02 8.10 2.54
C ALA A 9 -28.09 7.74 1.49
N GLY A 10 -28.55 6.49 1.52
CA GLY A 10 -29.59 5.98 0.61
C GLY A 10 -29.05 5.47 -0.71
N SER A 11 -27.73 5.51 -0.87
CA SER A 11 -27.05 5.12 -2.14
C SER A 11 -27.48 3.72 -2.57
N LEU A 12 -27.90 3.57 -3.84
CA LEU A 12 -27.98 2.34 -4.65
C LEU A 12 -26.75 1.44 -4.44
N ALA A 13 -25.54 2.03 -4.33
CA ALA A 13 -24.27 1.27 -4.27
C ALA A 13 -24.29 0.32 -3.07
N LEU A 14 -24.89 0.73 -1.94
CA LEU A 14 -24.96 -0.10 -0.71
C LEU A 14 -26.05 -1.17 -0.83
N SER A 15 -27.05 -1.00 -1.70
CA SER A 15 -28.14 -2.02 -1.85
C SER A 15 -27.73 -3.06 -2.89
N LEU A 16 -26.67 -2.82 -3.66
CA LEU A 16 -26.22 -3.77 -4.71
C LEU A 16 -25.93 -5.12 -4.06
N THR A 17 -26.27 -6.21 -4.74
CA THR A 17 -25.69 -7.53 -4.40
C THR A 17 -24.24 -7.60 -4.94
N ALA A 18 -23.46 -8.54 -4.44
CA ALA A 18 -22.11 -8.89 -4.94
C ALA A 18 -22.16 -9.07 -6.46
N ASP A 19 -23.06 -9.93 -6.96
CA ASP A 19 -23.25 -10.18 -8.42
C ASP A 19 -23.57 -8.88 -9.16
N GLN A 20 -24.42 -8.01 -8.62
CA GLN A 20 -24.72 -6.69 -9.25
C GLN A 20 -23.53 -5.72 -9.20
N MET A 21 -22.74 -5.77 -8.13
CA MET A 21 -21.54 -4.91 -7.97
C MET A 21 -20.51 -5.35 -9.03
N VAL A 22 -20.31 -6.63 -9.24
CA VAL A 22 -19.35 -7.15 -10.26
C VAL A 22 -19.80 -6.74 -11.65
N SER A 23 -21.09 -6.90 -11.93
CA SER A 23 -21.69 -6.50 -13.22
C SER A 23 -21.47 -5.01 -13.45
N ALA A 24 -21.70 -4.17 -12.44
CA ALA A 24 -21.53 -2.70 -12.57
C ALA A 24 -20.06 -2.43 -12.89
N LEU A 25 -19.15 -3.04 -12.12
CA LEU A 25 -17.68 -2.89 -12.28
C LEU A 25 -17.24 -3.39 -13.67
N LEU A 26 -17.74 -4.52 -14.13
CA LEU A 26 -17.33 -5.03 -15.46
C LEU A 26 -17.81 -4.05 -16.54
N ASP A 27 -19.02 -3.58 -16.41
CA ASP A 27 -19.63 -2.70 -17.44
C ASP A 27 -18.79 -1.41 -17.54
N ALA A 28 -18.11 -1.03 -16.47
CA ALA A 28 -17.45 0.28 -16.34
C ALA A 28 -16.07 0.26 -17.00
N GLU A 29 -15.60 -0.91 -17.45
CA GLU A 29 -14.19 -1.17 -17.74
C GLU A 29 -13.77 -0.28 -18.91
N PRO A 30 -12.59 0.33 -18.87
CA PRO A 30 -12.12 1.10 -20.01
C PRO A 30 -11.63 0.16 -21.11
N PRO A 31 -11.41 0.65 -22.35
CA PRO A 31 -10.93 -0.21 -23.42
C PRO A 31 -9.44 -0.40 -23.18
N ILE A 32 -8.87 -1.48 -23.71
CA ILE A 32 -7.40 -1.69 -23.76
C ILE A 32 -6.86 -0.83 -24.92
N LEU A 33 -6.02 0.18 -24.63
CA LEU A 33 -5.52 1.18 -25.62
C LEU A 33 -4.30 0.59 -26.31
N TYR A 34 -4.18 0.84 -27.61
CA TYR A 34 -2.92 0.62 -28.39
C TYR A 34 -2.10 1.89 -28.28
N SER A 35 -0.79 1.75 -28.39
CA SER A 35 0.08 2.90 -28.72
C SER A 35 -0.31 3.43 -30.11
N GLU A 36 -0.58 4.73 -30.20
CA GLU A 36 -0.89 5.43 -31.48
C GLU A 36 0.36 5.52 -32.38
N TYR A 37 1.52 5.10 -31.86
CA TYR A 37 2.83 5.04 -32.53
C TYR A 37 3.51 3.73 -32.18
N ASP A 38 4.17 3.06 -33.12
CA ASP A 38 5.18 2.05 -32.76
C ASP A 38 6.47 2.82 -32.54
N PRO A 39 7.33 2.33 -31.63
CA PRO A 39 8.66 2.90 -31.48
C PRO A 39 9.51 2.41 -32.67
N THR A 40 10.35 3.27 -33.20
CA THR A 40 11.61 2.85 -33.88
C THR A 40 12.47 2.20 -32.79
N ARG A 41 12.99 1.01 -33.06
CA ARG A 41 13.95 0.29 -32.18
C ARG A 41 15.36 0.67 -32.62
N PRO A 42 16.21 1.25 -31.73
CA PRO A 42 15.93 1.34 -30.30
C PRO A 42 15.25 2.64 -29.85
N PHE A 43 14.89 2.66 -28.56
CA PHE A 43 14.30 3.80 -27.84
C PHE A 43 15.41 4.75 -27.41
N SER A 44 15.07 6.03 -27.24
CA SER A 44 15.81 6.99 -26.38
C SER A 44 15.05 7.15 -25.07
N GLU A 45 15.65 7.85 -24.11
CA GLU A 45 14.93 8.35 -22.91
C GLU A 45 13.65 9.08 -23.40
N ALA A 46 13.80 9.92 -24.42
CA ALA A 46 12.76 10.87 -24.89
C ALA A 46 11.63 10.11 -25.58
N SER A 47 11.92 9.04 -26.32
CA SER A 47 10.90 8.36 -27.15
C SER A 47 10.10 7.36 -26.28
N MET A 48 10.79 6.71 -25.34
CA MET A 48 10.16 5.84 -24.31
C MET A 48 9.19 6.65 -23.45
N MET A 49 9.69 7.68 -22.78
CA MET A 49 8.90 8.55 -21.88
C MET A 49 7.75 9.15 -22.69
N GLY A 50 8.02 9.52 -23.94
CA GLY A 50 6.99 10.02 -24.86
C GLY A 50 5.86 9.01 -25.05
N LEU A 51 6.19 7.73 -25.29
CA LEU A 51 5.17 6.68 -25.51
C LEU A 51 4.38 6.48 -24.21
N LEU A 52 5.07 6.32 -23.08
CA LEU A 52 4.41 6.01 -21.78
C LEU A 52 3.49 7.18 -21.39
N THR A 53 3.96 8.42 -21.56
CA THR A 53 3.29 9.68 -21.16
C THR A 53 2.05 9.92 -22.02
N ASN A 54 2.19 9.58 -23.28
CA ASN A 54 1.12 9.70 -24.31
C ASN A 54 0.04 8.67 -24.00
N LEU A 55 0.45 7.42 -23.75
CA LEU A 55 -0.43 6.29 -23.38
C LEU A 55 -1.18 6.64 -22.10
N ALA A 56 -0.44 7.06 -21.10
CA ALA A 56 -0.95 7.44 -19.77
C ALA A 56 -1.99 8.55 -19.92
N ASP A 57 -1.72 9.52 -20.79
CA ASP A 57 -2.64 10.66 -20.97
C ASP A 57 -3.97 10.17 -21.56
N ARG A 58 -3.88 9.28 -22.52
CA ARG A 58 -5.06 8.67 -23.20
C ARG A 58 -5.82 7.79 -22.20
N GLU A 59 -5.09 7.00 -21.40
CA GLU A 59 -5.70 6.12 -20.38
C GLU A 59 -6.50 6.93 -19.34
N LEU A 60 -5.96 8.07 -18.91
CA LEU A 60 -6.57 9.02 -17.93
C LEU A 60 -7.95 9.48 -18.39
N VAL A 61 -8.07 9.79 -19.67
CA VAL A 61 -9.37 10.27 -20.21
C VAL A 61 -10.38 9.16 -19.97
N HIS A 62 -10.08 7.90 -20.28
CA HIS A 62 -11.04 6.77 -20.09
C HIS A 62 -11.15 6.46 -18.60
N MET A 63 -10.08 6.69 -17.83
CA MET A 63 -10.11 6.40 -16.38
C MET A 63 -11.18 7.30 -15.74
N ILE A 64 -11.26 8.55 -16.16
CA ILE A 64 -12.31 9.49 -15.69
C ILE A 64 -13.71 8.94 -15.98
N ASN A 65 -13.97 8.41 -17.17
CA ASN A 65 -15.33 7.91 -17.46
C ASN A 65 -15.63 6.68 -16.62
N TRP A 66 -14.60 5.87 -16.40
CA TRP A 66 -14.69 4.63 -15.57
C TRP A 66 -15.07 5.01 -14.16
N ALA A 67 -14.36 5.98 -13.59
CA ALA A 67 -14.51 6.39 -12.16
C ALA A 67 -15.99 6.70 -11.88
N LYS A 68 -16.66 7.36 -12.82
CA LYS A 68 -18.08 7.81 -12.72
C LYS A 68 -19.03 6.60 -12.66
N ARG A 69 -18.64 5.47 -13.23
CA ARG A 69 -19.52 4.27 -13.30
C ARG A 69 -19.13 3.34 -12.17
N VAL A 70 -18.18 3.75 -11.32
CA VAL A 70 -17.86 2.95 -10.12
C VAL A 70 -18.91 3.28 -9.09
N PRO A 71 -19.74 2.30 -8.66
CA PRO A 71 -20.71 2.50 -7.58
C PRO A 71 -20.17 3.21 -6.34
N GLY A 72 -20.87 4.26 -5.93
CA GLY A 72 -20.53 5.02 -4.72
C GLY A 72 -19.72 6.26 -5.04
N PHE A 73 -19.05 6.29 -6.20
CA PHE A 73 -18.02 7.33 -6.52
C PHE A 73 -18.72 8.65 -6.77
N VAL A 74 -19.72 8.65 -7.62
CA VAL A 74 -20.49 9.84 -8.04
C VAL A 74 -21.40 10.30 -6.89
N ASP A 75 -21.52 9.59 -5.76
CA ASP A 75 -22.30 10.08 -4.57
C ASP A 75 -21.46 11.12 -3.81
N LEU A 76 -20.19 11.25 -4.13
CA LEU A 76 -19.27 12.19 -3.46
C LEU A 76 -19.35 13.59 -4.13
N THR A 77 -18.99 14.64 -3.38
CA THR A 77 -18.80 15.98 -3.96
C THR A 77 -17.79 15.85 -5.09
N LEU A 78 -17.96 16.68 -6.07
CA LEU A 78 -17.00 16.82 -7.18
C LEU A 78 -15.63 17.08 -6.56
N HIS A 79 -15.58 17.88 -5.48
CA HIS A 79 -14.31 18.10 -4.75
C HIS A 79 -13.65 16.77 -4.36
N ASP A 80 -14.40 15.86 -3.75
CA ASP A 80 -13.82 14.61 -3.18
C ASP A 80 -13.47 13.67 -4.33
N GLN A 81 -14.26 13.70 -5.42
CA GLN A 81 -14.04 12.90 -6.64
C GLN A 81 -12.70 13.27 -7.27
N VAL A 82 -12.42 14.56 -7.33
CA VAL A 82 -11.14 15.09 -7.87
C VAL A 82 -9.99 14.60 -7.00
N HIS A 83 -10.13 14.71 -5.68
CA HIS A 83 -9.07 14.33 -4.71
C HIS A 83 -8.75 12.85 -4.86
N LEU A 84 -9.78 11.99 -5.00
CA LEU A 84 -9.56 10.52 -5.08
C LEU A 84 -8.84 10.21 -6.37
N LEU A 85 -9.24 10.78 -7.49
CA LEU A 85 -8.56 10.45 -8.78
C LEU A 85 -7.14 11.02 -8.74
N GLU A 86 -6.95 12.25 -8.29
CA GLU A 86 -5.61 12.87 -8.14
C GLU A 86 -4.68 11.96 -7.33
N CYS A 87 -5.18 11.34 -6.27
CA CYS A 87 -4.37 10.47 -5.39
C CYS A 87 -4.12 9.11 -6.06
N ALA A 88 -5.10 8.55 -6.76
CA ALA A 88 -5.13 7.12 -7.16
C ALA A 88 -4.65 6.86 -8.60
N TRP A 89 -4.51 7.88 -9.45
CA TRP A 89 -4.54 7.65 -10.92
C TRP A 89 -3.39 6.74 -11.33
N LEU A 90 -2.19 6.90 -10.78
CA LEU A 90 -1.02 6.11 -11.22
C LEU A 90 -1.14 4.69 -10.67
N GLU A 91 -1.56 4.56 -9.42
CA GLU A 91 -1.90 3.25 -8.83
C GLU A 91 -2.90 2.58 -9.75
N ILE A 92 -3.85 3.32 -10.32
CA ILE A 92 -4.87 2.68 -11.19
C ILE A 92 -4.24 2.25 -12.52
N LEU A 93 -3.43 3.11 -13.14
CA LEU A 93 -2.71 2.76 -14.38
C LEU A 93 -1.87 1.52 -14.07
N MET A 94 -1.20 1.50 -12.92
CA MET A 94 -0.28 0.40 -12.55
C MET A 94 -1.01 -0.91 -12.33
N ILE A 95 -2.14 -0.95 -11.62
CA ILE A 95 -2.79 -2.27 -11.39
C ILE A 95 -3.27 -2.79 -12.76
N GLY A 96 -3.65 -1.87 -13.66
CA GLY A 96 -4.08 -2.23 -15.02
C GLY A 96 -2.93 -2.85 -15.80
N LEU A 97 -1.79 -2.19 -15.76
CA LEU A 97 -0.58 -2.69 -16.44
C LEU A 97 -0.24 -4.07 -15.91
N VAL A 98 -0.13 -4.24 -14.59
CA VAL A 98 0.31 -5.56 -14.04
C VAL A 98 -0.77 -6.59 -14.38
N TRP A 99 -2.05 -6.24 -14.38
CA TRP A 99 -3.16 -7.17 -14.79
C TRP A 99 -2.95 -7.63 -16.24
N ARG A 100 -2.79 -6.71 -17.18
CA ARG A 100 -2.67 -7.05 -18.62
C ARG A 100 -1.37 -7.81 -18.85
N SER A 101 -0.36 -7.63 -18.00
CA SER A 101 0.98 -8.22 -18.16
C SER A 101 1.06 -9.63 -17.55
N MET A 102 0.00 -10.10 -16.87
CA MET A 102 0.02 -11.42 -16.16
C MET A 102 0.47 -12.56 -17.08
N GLU A 103 -0.10 -12.62 -18.28
CA GLU A 103 0.09 -13.76 -19.19
C GLU A 103 1.23 -13.39 -20.14
N HIS A 104 2.19 -12.58 -19.67
CA HIS A 104 3.40 -12.18 -20.45
C HIS A 104 4.59 -12.16 -19.51
N PRO A 105 4.96 -13.37 -18.99
CA PRO A 105 6.10 -13.51 -18.07
C PRO A 105 7.37 -12.75 -18.50
N GLY A 106 7.99 -12.05 -17.55
CA GLY A 106 9.18 -11.20 -17.75
C GLY A 106 8.91 -9.91 -18.50
N LYS A 107 7.66 -9.62 -18.88
CA LYS A 107 7.35 -8.44 -19.74
C LYS A 107 6.17 -7.60 -19.21
N LEU A 108 6.20 -6.32 -19.56
CA LEU A 108 5.12 -5.35 -19.26
C LEU A 108 4.37 -5.02 -20.54
N LEU A 109 3.11 -5.43 -20.60
CA LEU A 109 2.18 -5.11 -21.70
C LEU A 109 1.60 -3.72 -21.48
N PHE A 110 2.36 -2.70 -21.83
CA PHE A 110 1.87 -1.31 -21.82
C PHE A 110 0.69 -1.25 -22.78
N ALA A 111 0.79 -1.94 -23.92
CA ALA A 111 -0.28 -1.99 -24.94
C ALA A 111 -0.02 -3.23 -25.76
N PRO A 112 -1.02 -3.78 -26.45
CA PRO A 112 -0.78 -4.95 -27.31
C PRO A 112 0.42 -4.80 -28.28
N ASN A 113 0.69 -3.56 -28.73
CA ASN A 113 1.78 -3.18 -29.64
C ASN A 113 2.86 -2.43 -28.86
N LEU A 114 2.95 -2.64 -27.55
CA LEU A 114 4.05 -2.04 -26.74
C LEU A 114 4.29 -2.92 -25.52
N LEU A 115 4.89 -4.08 -25.80
CA LEU A 115 5.35 -5.08 -24.82
C LEU A 115 6.85 -4.85 -24.63
N LEU A 116 7.29 -4.51 -23.42
CA LEU A 116 8.71 -4.24 -23.07
C LEU A 116 9.16 -5.28 -22.03
N ASP A 117 10.45 -5.59 -22.04
CA ASP A 117 11.13 -6.36 -20.96
C ASP A 117 11.96 -5.33 -20.21
N ARG A 118 12.64 -5.75 -19.13
CA ARG A 118 13.22 -4.84 -18.11
C ARG A 118 14.39 -4.05 -18.70
N ASN A 119 15.08 -4.59 -19.72
CA ASN A 119 16.34 -4.03 -20.28
C ASN A 119 16.01 -2.83 -21.16
N GLN A 120 14.83 -2.80 -21.77
CA GLN A 120 14.30 -1.63 -22.51
C GLN A 120 13.90 -0.55 -21.50
N GLY A 121 13.58 -0.95 -20.26
CA GLY A 121 13.43 -0.04 -19.10
C GLY A 121 14.68 0.80 -18.84
N LYS A 122 15.87 0.25 -19.06
CA LYS A 122 17.21 0.90 -18.82
C LYS A 122 17.34 2.22 -19.60
N CYS A 123 16.69 2.34 -20.78
CA CYS A 123 16.64 3.56 -21.64
C CYS A 123 16.43 4.84 -20.80
N VAL A 124 15.51 4.79 -19.82
CA VAL A 124 15.14 5.97 -18.96
C VAL A 124 15.78 5.79 -17.58
N GLU A 125 16.19 6.89 -16.96
CA GLU A 125 17.02 6.94 -15.73
C GLU A 125 16.14 6.69 -14.49
N GLY A 126 16.35 5.58 -13.78
CA GLY A 126 15.60 5.18 -12.56
C GLY A 126 14.36 4.33 -12.86
N MET A 127 14.06 4.09 -14.14
CA MET A 127 12.89 3.34 -14.63
C MET A 127 13.03 1.84 -14.31
N VAL A 128 14.23 1.31 -14.36
CA VAL A 128 14.43 -0.16 -14.28
C VAL A 128 13.91 -0.68 -12.94
N GLU A 129 14.09 0.06 -11.83
CA GLU A 129 13.69 -0.39 -10.46
C GLU A 129 12.18 -0.57 -10.38
N ILE A 130 11.41 0.27 -11.06
CA ILE A 130 9.92 0.33 -11.03
C ILE A 130 9.41 -0.78 -11.91
N PHE A 131 10.00 -0.98 -13.10
CA PHE A 131 9.67 -2.11 -14.01
C PHE A 131 9.76 -3.42 -13.25
N ASP A 132 10.84 -3.60 -12.47
CA ASP A 132 11.08 -4.81 -11.64
C ASP A 132 9.96 -4.99 -10.63
N MET A 133 9.62 -3.94 -9.89
CA MET A 133 8.48 -3.98 -8.94
C MET A 133 7.17 -4.32 -9.69
N LEU A 134 6.97 -3.78 -10.90
CA LEU A 134 5.73 -4.01 -11.67
C LEU A 134 5.71 -5.47 -12.08
N LEU A 135 6.84 -5.96 -12.60
CA LEU A 135 7.06 -7.38 -13.01
C LEU A 135 6.73 -8.29 -11.84
N ALA A 136 7.32 -8.03 -10.68
CA ALA A 136 7.13 -8.84 -9.45
C ALA A 136 5.63 -8.87 -9.10
N THR A 137 4.95 -7.72 -9.15
CA THR A 137 3.50 -7.64 -8.85
C THR A 137 2.72 -8.48 -9.86
N SER A 138 3.09 -8.38 -11.13
CA SER A 138 2.39 -9.10 -12.22
C SER A 138 2.56 -10.59 -11.95
N SER A 139 3.77 -11.00 -11.55
CA SER A 139 4.11 -12.43 -11.33
C SER A 139 3.35 -12.95 -10.11
N ARG A 140 3.23 -12.13 -9.07
CA ARG A 140 2.44 -12.47 -7.86
C ARG A 140 0.98 -12.71 -8.25
N PHE A 141 0.38 -11.85 -9.09
CA PHE A 141 -1.01 -12.02 -9.58
C PHE A 141 -1.12 -13.33 -10.34
N ARG A 142 -0.16 -13.59 -11.22
CA ARG A 142 -0.14 -14.83 -12.05
C ARG A 142 -0.11 -16.04 -11.10
N MET A 143 0.78 -16.03 -10.12
CA MET A 143 0.94 -17.13 -9.12
C MET A 143 -0.38 -17.32 -8.42
N MET A 144 -1.04 -16.24 -8.01
CA MET A 144 -2.30 -16.28 -7.21
C MET A 144 -3.49 -16.60 -8.14
N ASN A 145 -3.25 -16.58 -9.44
CA ASN A 145 -4.31 -16.80 -10.46
C ASN A 145 -5.40 -15.73 -10.30
N LEU A 146 -5.03 -14.45 -10.13
CA LEU A 146 -6.02 -13.33 -9.97
C LEU A 146 -7.06 -13.43 -11.11
N GLN A 147 -8.35 -13.50 -10.79
CA GLN A 147 -9.48 -13.54 -11.75
C GLN A 147 -9.93 -12.11 -12.12
N GLY A 148 -10.50 -11.92 -13.31
CA GLY A 148 -11.02 -10.63 -13.79
C GLY A 148 -11.95 -9.94 -12.79
N GLU A 149 -12.88 -10.67 -12.18
CA GLU A 149 -13.86 -10.14 -11.22
C GLU A 149 -13.13 -9.58 -9.99
N GLU A 150 -12.08 -10.26 -9.53
CA GLU A 150 -11.28 -9.82 -8.35
C GLU A 150 -10.54 -8.55 -8.76
N PHE A 151 -10.01 -8.51 -10.00
CA PHE A 151 -9.19 -7.37 -10.43
C PHE A 151 -10.03 -6.09 -10.45
N VAL A 152 -11.25 -6.18 -10.94
CA VAL A 152 -12.08 -4.94 -10.99
C VAL A 152 -12.43 -4.50 -9.57
N CYS A 153 -12.61 -5.44 -8.63
CA CYS A 153 -12.88 -5.07 -7.22
C CYS A 153 -11.68 -4.29 -6.68
N LEU A 154 -10.47 -4.77 -6.92
CA LEU A 154 -9.24 -4.19 -6.35
C LEU A 154 -9.04 -2.78 -6.93
N LYS A 155 -9.31 -2.62 -8.22
CA LYS A 155 -9.15 -1.32 -8.93
C LYS A 155 -10.08 -0.29 -8.29
N SER A 156 -11.27 -0.74 -7.95
CA SER A 156 -12.27 0.07 -7.23
C SER A 156 -11.82 0.40 -5.80
N ILE A 157 -11.24 -0.56 -5.10
CA ILE A 157 -10.74 -0.29 -3.73
C ILE A 157 -9.67 0.78 -3.85
N ILE A 158 -8.77 0.64 -4.82
CA ILE A 158 -7.68 1.64 -4.97
C ILE A 158 -8.28 3.02 -5.12
N LEU A 159 -9.27 3.16 -6.00
CA LEU A 159 -9.90 4.48 -6.26
C LEU A 159 -10.41 5.04 -4.93
N LEU A 160 -11.26 4.26 -4.23
CA LEU A 160 -11.98 4.68 -3.01
C LEU A 160 -11.02 4.87 -1.83
N ASN A 161 -9.96 4.05 -1.75
CA ASN A 161 -9.07 3.96 -0.58
C ASN A 161 -7.91 4.97 -0.68
N SER A 162 -7.51 5.45 -1.83
CA SER A 162 -6.14 5.98 -1.84
C SER A 162 -6.11 7.46 -1.40
N GLY A 163 -7.26 8.04 -1.11
CA GLY A 163 -7.35 9.44 -0.69
C GLY A 163 -8.16 9.64 0.56
N VAL A 164 -8.75 8.56 1.12
CA VAL A 164 -9.68 8.62 2.30
C VAL A 164 -8.98 9.30 3.50
N TYR A 165 -7.69 9.02 3.80
CA TYR A 165 -6.87 9.76 4.81
C TYR A 165 -5.72 10.51 4.13
N THR A 166 -5.50 10.28 2.82
CA THR A 166 -4.41 10.90 2.00
C THR A 166 -4.86 12.26 1.46
N ASP A 179 -16.89 8.30 5.60
CA ASP A 179 -17.69 7.21 6.24
C ASP A 179 -18.51 6.48 5.16
N HIS A 180 -19.09 7.19 4.21
CA HIS A 180 -19.71 6.57 3.02
C HIS A 180 -18.70 5.74 2.22
N ILE A 181 -17.50 6.29 2.03
CA ILE A 181 -16.37 5.61 1.33
C ILE A 181 -16.09 4.28 2.02
N HIS A 182 -16.07 4.29 3.36
CA HIS A 182 -15.93 3.08 4.23
C HIS A 182 -17.05 2.08 3.99
N ARG A 183 -18.28 2.56 3.89
CA ARG A 183 -19.46 1.70 3.60
C ARG A 183 -19.32 1.08 2.22
N VAL A 184 -18.82 1.85 1.26
CA VAL A 184 -18.68 1.27 -0.11
C VAL A 184 -17.51 0.27 -0.14
N LEU A 185 -16.37 0.60 0.46
CA LEU A 185 -15.24 -0.37 0.61
C LEU A 185 -15.73 -1.64 1.32
N ASP A 186 -16.53 -1.54 2.38
CA ASP A 186 -17.07 -2.77 3.03
C ASP A 186 -17.88 -3.59 2.03
N LYS A 187 -18.67 -2.94 1.16
CA LYS A 187 -19.48 -3.66 0.13
C LYS A 187 -18.55 -4.35 -0.86
N ILE A 188 -17.45 -3.69 -1.20
CA ILE A 188 -16.47 -4.30 -2.14
C ILE A 188 -15.78 -5.48 -1.43
N THR A 189 -15.46 -5.39 -0.14
CA THR A 189 -14.90 -6.56 0.58
C THR A 189 -15.91 -7.74 0.55
N ASP A 190 -17.19 -7.49 0.79
CA ASP A 190 -18.26 -8.54 0.78
C ASP A 190 -18.27 -9.19 -0.59
N THR A 191 -18.12 -8.38 -1.64
CA THR A 191 -18.15 -8.91 -3.02
C THR A 191 -16.98 -9.86 -3.24
N LEU A 192 -15.76 -9.48 -2.85
CA LEU A 192 -14.55 -10.34 -3.09
C LEU A 192 -14.76 -11.69 -2.41
N ILE A 193 -15.27 -11.68 -1.20
CA ILE A 193 -15.46 -12.91 -0.38
C ILE A 193 -16.53 -13.76 -1.03
N HIS A 194 -17.60 -13.13 -1.53
CA HIS A 194 -18.62 -13.80 -2.38
C HIS A 194 -17.95 -14.51 -3.54
N LEU A 195 -17.16 -13.80 -4.35
CA LEU A 195 -16.46 -14.41 -5.50
C LEU A 195 -15.66 -15.62 -5.03
N MET A 196 -15.04 -15.53 -3.86
CA MET A 196 -14.14 -16.59 -3.36
C MET A 196 -14.95 -17.79 -2.82
N ALA A 197 -16.01 -17.56 -2.02
CA ALA A 197 -16.99 -18.60 -1.60
C ALA A 197 -17.49 -19.34 -2.85
N LYS A 198 -17.96 -18.59 -3.85
CA LYS A 198 -18.48 -19.15 -5.12
C LYS A 198 -17.43 -20.02 -5.83
N ALA A 199 -16.14 -19.70 -5.73
CA ALA A 199 -15.07 -20.41 -6.48
C ALA A 199 -14.69 -21.70 -5.76
N GLY A 200 -15.28 -21.97 -4.58
CA GLY A 200 -15.05 -23.20 -3.78
C GLY A 200 -13.93 -23.08 -2.75
N LEU A 201 -13.55 -21.87 -2.34
CA LEU A 201 -12.50 -21.64 -1.31
C LEU A 201 -13.19 -21.83 0.05
N THR A 202 -12.53 -22.55 0.97
CA THR A 202 -12.91 -22.63 2.41
C THR A 202 -12.93 -21.20 2.97
N LEU A 203 -13.65 -20.95 4.06
CA LEU A 203 -13.60 -19.69 4.84
C LEU A 203 -12.14 -19.26 5.09
N GLN A 204 -11.29 -20.20 5.52
CA GLN A 204 -9.88 -19.91 5.85
C GLN A 204 -9.17 -19.40 4.59
N GLN A 205 -9.36 -20.06 3.46
CA GLN A 205 -8.72 -19.69 2.16
C GLN A 205 -9.21 -18.32 1.69
N GLN A 206 -10.49 -18.04 1.91
CA GLN A 206 -11.13 -16.75 1.54
C GLN A 206 -10.41 -15.62 2.30
N HIS A 207 -10.31 -15.74 3.63
CA HIS A 207 -9.75 -14.64 4.45
CA HIS A 207 -9.75 -14.67 4.48
C HIS A 207 -8.27 -14.47 4.08
N GLN A 208 -7.59 -15.56 3.76
CA GLN A 208 -6.14 -15.55 3.45
C GLN A 208 -5.93 -14.90 2.07
N ARG A 209 -6.85 -15.12 1.11
CA ARG A 209 -6.73 -14.57 -0.28
C ARG A 209 -7.04 -13.08 -0.22
N LEU A 210 -8.09 -12.73 0.52
CA LEU A 210 -8.47 -11.31 0.74
C LEU A 210 -7.21 -10.61 1.25
N ALA A 211 -6.62 -11.08 2.35
CA ALA A 211 -5.45 -10.37 2.94
C ALA A 211 -4.33 -10.30 1.91
N GLN A 212 -4.10 -11.37 1.16
CA GLN A 212 -2.95 -11.46 0.23
C GLN A 212 -3.15 -10.40 -0.86
N LEU A 213 -4.38 -10.28 -1.41
CA LEU A 213 -4.69 -9.27 -2.44
C LEU A 213 -4.55 -7.87 -1.86
N LEU A 214 -5.14 -7.63 -0.70
CA LEU A 214 -5.06 -6.28 -0.10
C LEU A 214 -3.61 -5.93 0.26
N LEU A 215 -2.79 -6.90 0.65
CA LEU A 215 -1.40 -6.54 1.00
C LEU A 215 -0.67 -6.04 -0.24
N ILE A 216 -0.94 -6.65 -1.39
CA ILE A 216 -0.40 -6.26 -2.73
C ILE A 216 -0.79 -4.80 -2.99
N LEU A 217 -1.99 -4.38 -2.62
CA LEU A 217 -2.32 -2.93 -2.79
C LEU A 217 -1.29 -2.05 -2.09
N SER A 218 -0.64 -2.47 -1.00
CA SER A 218 0.31 -1.54 -0.33
C SER A 218 1.60 -1.46 -1.18
N HIS A 219 1.93 -2.52 -1.89
CA HIS A 219 3.07 -2.52 -2.85
CA HIS A 219 3.07 -2.53 -2.85
C HIS A 219 2.73 -1.62 -4.04
N ILE A 220 1.47 -1.65 -4.47
CA ILE A 220 1.04 -0.80 -5.62
C ILE A 220 1.10 0.66 -5.18
N ARG A 221 0.67 0.97 -3.96
CA ARG A 221 0.83 2.35 -3.40
C ARG A 221 2.31 2.78 -3.47
N HIS A 222 3.19 1.91 -3.02
CA HIS A 222 4.67 2.07 -3.01
C HIS A 222 5.19 2.39 -4.42
N MET A 223 4.85 1.56 -5.39
CA MET A 223 5.33 1.76 -6.77
C MET A 223 4.79 3.09 -7.27
N SER A 224 3.59 3.46 -6.87
CA SER A 224 2.96 4.72 -7.33
C SER A 224 3.77 5.90 -6.77
N ASN A 225 4.18 5.84 -5.50
CA ASN A 225 4.93 6.93 -4.85
C ASN A 225 6.29 7.03 -5.53
N LYS A 226 6.96 5.93 -5.82
CA LYS A 226 8.28 5.99 -6.50
C LYS A 226 8.08 6.52 -7.92
N GLY A 227 7.07 5.99 -8.63
CA GLY A 227 6.69 6.43 -9.98
C GLY A 227 6.56 7.94 -10.07
N MET A 228 5.90 8.52 -9.10
CA MET A 228 5.59 9.97 -9.03
C MET A 228 6.88 10.79 -8.82
N GLU A 229 7.79 10.32 -7.96
CA GLU A 229 9.14 10.92 -7.75
C GLU A 229 9.84 10.98 -9.12
N HIS A 230 9.82 9.85 -9.84
CA HIS A 230 10.40 9.68 -11.19
C HIS A 230 9.72 10.65 -12.17
N LEU A 231 8.39 10.73 -12.20
CA LEU A 231 7.67 11.61 -13.14
C LEU A 231 8.04 13.06 -12.83
N TYR A 232 8.31 13.39 -11.56
CA TYR A 232 8.67 14.78 -11.17
C TYR A 232 10.13 15.03 -11.58
N SER A 233 11.02 14.03 -11.50
CA SER A 233 12.41 14.13 -12.05
C SER A 233 12.33 14.47 -13.54
N MET A 234 11.59 13.64 -14.28
CA MET A 234 11.38 13.74 -15.75
C MET A 234 10.82 15.11 -16.12
N LYS A 235 9.82 15.60 -15.37
CA LYS A 235 9.25 16.97 -15.53
C LYS A 235 10.38 18.01 -15.52
N CYS A 236 11.05 18.15 -14.38
CA CYS A 236 12.20 19.07 -14.15
C CYS A 236 13.18 18.96 -15.31
N LYS A 237 13.56 17.75 -15.68
CA LYS A 237 14.48 17.51 -16.81
C LYS A 237 13.97 18.09 -18.14
N ASN A 238 12.63 18.14 -18.34
CA ASN A 238 11.97 18.71 -19.54
C ASN A 238 12.30 17.83 -20.75
N VAL A 239 12.42 16.53 -20.49
CA VAL A 239 12.75 15.53 -21.52
C VAL A 239 11.59 15.54 -22.51
N VAL A 240 10.39 15.38 -21.95
CA VAL A 240 9.18 15.23 -22.80
C VAL A 240 8.10 16.17 -22.27
N PRO A 241 7.37 16.87 -23.17
CA PRO A 241 6.19 17.63 -22.76
C PRO A 241 5.11 16.74 -22.13
N LEU A 242 4.48 17.22 -21.06
CA LEU A 242 3.31 16.54 -20.44
C LEU A 242 2.06 17.35 -20.79
N SER A 243 0.93 16.66 -20.94
CA SER A 243 -0.40 17.29 -21.07
C SER A 243 -0.69 18.20 -19.86
N ASP A 244 -1.59 19.16 -20.03
CA ASP A 244 -2.14 20.00 -18.95
C ASP A 244 -2.73 19.09 -17.86
N LEU A 245 -3.53 18.08 -18.26
CA LEU A 245 -4.18 17.15 -17.31
C LEU A 245 -3.12 16.44 -16.47
N LEU A 246 -2.09 15.93 -17.13
CA LEU A 246 -0.97 15.20 -16.49
C LEU A 246 -0.19 16.15 -15.58
N LEU A 247 0.03 17.40 -16.01
CA LEU A 247 0.70 18.43 -15.16
C LEU A 247 -0.13 18.73 -13.89
N GLU A 248 -1.47 18.74 -13.98
CA GLU A 248 -2.36 18.92 -12.80
C GLU A 248 -2.22 17.72 -11.86
N MET A 249 -2.29 16.50 -12.40
CA MET A 249 -2.21 15.26 -11.57
C MET A 249 -0.90 15.26 -10.75
N LEU A 250 0.24 15.63 -11.37
CA LEU A 250 1.58 15.73 -10.74
C LEU A 250 1.53 16.80 -9.65
N ASP A 251 1.08 17.99 -10.00
CA ASP A 251 0.88 19.12 -9.06
C ASP A 251 0.14 18.65 -7.81
N ALA A 252 -0.92 17.84 -7.95
CA ALA A 252 -1.71 17.31 -6.81
C ALA A 252 -0.80 16.57 -5.81
N HIS A 253 0.16 15.76 -6.27
CA HIS A 253 1.20 15.12 -5.42
C HIS A 253 2.42 16.05 -5.18
N ARG A 254 2.24 17.38 -5.19
CA ARG A 254 3.34 18.38 -5.36
C ARG A 254 4.20 17.96 -6.57
N ALA B 1 -8.60 24.00 -13.67
CA ALA B 1 -8.79 22.67 -13.01
C ALA B 1 -9.57 21.76 -13.96
N ILE B 2 -8.86 20.96 -14.74
CA ILE B 2 -9.41 20.16 -15.88
C ILE B 2 -10.25 19.02 -15.32
N LEU B 3 -9.74 18.36 -14.31
CA LEU B 3 -10.40 17.14 -13.77
C LEU B 3 -11.78 17.57 -13.30
N HIS B 4 -11.91 18.72 -12.64
CA HIS B 4 -13.23 19.27 -12.20
C HIS B 4 -14.19 19.35 -13.40
N ARG B 5 -13.71 19.82 -14.55
CA ARG B 5 -14.60 19.99 -15.73
C ARG B 5 -14.94 18.60 -16.29
N LEU B 6 -13.98 17.67 -16.32
CA LEU B 6 -14.19 16.32 -16.91
C LEU B 6 -15.07 15.50 -15.96
N LEU B 7 -14.95 15.68 -14.65
CA LEU B 7 -15.73 14.88 -13.67
C LEU B 7 -17.19 15.34 -13.60
N GLN B 8 -17.42 16.63 -13.82
CA GLN B 8 -18.80 17.19 -13.80
C GLN B 8 -19.63 16.50 -14.92
N ALA C 9 10.91 -23.21 6.35
CA ALA C 9 10.66 -24.63 5.88
C ALA C 9 10.78 -25.56 7.09
N GLY C 10 9.65 -26.08 7.55
CA GLY C 10 9.51 -26.64 8.91
C GLY C 10 9.59 -25.55 9.97
N SER C 11 9.33 -24.28 9.60
CA SER C 11 9.45 -23.11 10.52
C SER C 11 8.42 -23.28 11.64
N LEU C 12 8.86 -23.07 12.89
CA LEU C 12 8.01 -23.24 14.10
C LEU C 12 6.88 -22.23 14.07
N ALA C 13 7.11 -21.10 13.40
CA ALA C 13 6.06 -20.09 13.09
C ALA C 13 4.81 -20.80 12.56
N LEU C 14 4.98 -21.79 11.70
CA LEU C 14 3.83 -22.49 11.02
C LEU C 14 3.04 -23.38 11.98
N SER C 15 3.61 -23.86 13.08
CA SER C 15 2.85 -24.79 13.98
C SER C 15 2.16 -24.06 15.14
N LEU C 16 2.39 -22.75 15.36
CA LEU C 16 1.75 -21.95 16.44
C LEU C 16 0.23 -21.94 16.28
N THR C 17 -0.52 -22.02 17.38
CA THR C 17 -1.96 -21.64 17.42
C THR C 17 -2.09 -20.10 17.35
N ALA C 18 -3.30 -19.60 17.15
CA ALA C 18 -3.62 -18.16 17.13
C ALA C 18 -3.17 -17.53 18.45
N ASP C 19 -3.60 -18.13 19.57
CA ASP C 19 -3.23 -17.74 20.97
C ASP C 19 -1.72 -17.67 21.13
N GLN C 20 -0.97 -18.61 20.56
CA GLN C 20 0.51 -18.64 20.72
C GLN C 20 1.15 -17.59 19.80
N MET C 21 0.54 -17.30 18.64
CA MET C 21 1.07 -16.24 17.76
C MET C 21 0.93 -14.89 18.49
N VAL C 22 -0.21 -14.69 19.15
CA VAL C 22 -0.50 -13.46 19.95
C VAL C 22 0.50 -13.35 21.10
N SER C 23 0.70 -14.40 21.91
CA SER C 23 1.65 -14.37 23.06
C SER C 23 3.02 -13.94 22.56
N ALA C 24 3.47 -14.59 21.50
CA ALA C 24 4.84 -14.42 20.97
C ALA C 24 5.01 -12.96 20.52
N LEU C 25 3.97 -12.38 19.90
CA LEU C 25 3.99 -10.96 19.44
C LEU C 25 3.88 -10.04 20.63
N LEU C 26 2.98 -10.33 21.56
CA LEU C 26 2.85 -9.52 22.82
C LEU C 26 4.18 -9.57 23.57
N ASP C 27 4.85 -10.74 23.64
CA ASP C 27 6.13 -10.85 24.39
C ASP C 27 7.28 -10.22 23.60
N ALA C 28 7.21 -10.10 22.28
CA ALA C 28 8.29 -9.46 21.50
C ALA C 28 8.33 -7.93 21.70
N GLU C 29 7.26 -7.29 22.16
CA GLU C 29 7.12 -5.80 22.13
C GLU C 29 8.37 -5.12 22.69
N PRO C 30 8.92 -4.07 22.04
CA PRO C 30 10.11 -3.40 22.55
C PRO C 30 9.73 -2.57 23.77
N PRO C 31 10.71 -2.08 24.56
CA PRO C 31 10.39 -1.23 25.70
C PRO C 31 9.82 0.16 25.35
N ILE C 32 8.96 0.69 26.21
CA ILE C 32 8.55 2.14 26.26
C ILE C 32 9.83 2.97 26.40
N LEU C 33 10.11 3.83 25.43
CA LEU C 33 11.24 4.78 25.53
C LEU C 33 10.66 6.15 25.91
N TYR C 34 11.49 6.90 26.62
CA TYR C 34 11.34 8.32 26.99
C TYR C 34 12.33 9.08 26.12
N SER C 35 11.93 10.27 25.70
CA SER C 35 12.85 11.27 25.12
C SER C 35 13.91 11.61 26.16
N GLU C 36 15.18 11.50 25.81
CA GLU C 36 16.39 11.75 26.64
C GLU C 36 17.24 12.86 26.02
N TYR C 37 16.75 13.55 24.99
CA TYR C 37 17.57 14.45 24.13
C TYR C 37 18.35 15.44 25.01
N ARG C 41 16.80 23.63 24.72
CA ARG C 41 17.19 24.14 23.37
C ARG C 41 15.96 24.68 22.65
N PRO C 42 16.09 25.78 21.86
CA PRO C 42 14.92 26.38 21.19
C PRO C 42 14.39 25.48 20.06
N PHE C 43 13.09 25.59 19.77
CA PHE C 43 12.36 24.86 18.70
C PHE C 43 12.95 25.19 17.30
N SER C 44 13.30 24.16 16.51
CA SER C 44 13.87 24.25 15.14
C SER C 44 14.08 22.83 14.57
N SER C 47 16.70 20.96 15.95
CA SER C 47 16.53 20.65 17.40
C SER C 47 15.30 19.77 17.58
N MET C 48 14.17 20.21 17.04
CA MET C 48 12.96 19.36 16.81
C MET C 48 13.39 18.08 16.10
N MET C 49 14.00 18.19 14.93
CA MET C 49 14.49 17.02 14.14
C MET C 49 15.52 16.24 14.96
N GLY C 50 16.16 16.87 15.95
CA GLY C 50 17.15 16.23 16.85
C GLY C 50 16.49 15.32 17.86
N LEU C 51 15.38 15.79 18.41
CA LEU C 51 14.56 15.02 19.35
C LEU C 51 14.11 13.73 18.64
N LEU C 52 13.49 13.85 17.47
CA LEU C 52 12.88 12.71 16.73
C LEU C 52 13.98 11.75 16.28
N THR C 53 15.10 12.29 15.83
CA THR C 53 16.25 11.54 15.30
C THR C 53 16.83 10.68 16.42
N ASN C 54 17.05 11.28 17.59
CA ASN C 54 17.70 10.56 18.73
C ASN C 54 16.72 9.49 19.20
N LEU C 55 15.45 9.85 19.22
CA LEU C 55 14.40 8.92 19.69
C LEU C 55 14.32 7.75 18.69
N ALA C 56 14.34 8.05 17.40
CA ALA C 56 14.20 7.04 16.33
C ALA C 56 15.42 6.11 16.31
N ASP C 57 16.65 6.62 16.43
CA ASP C 57 17.85 5.75 16.52
C ASP C 57 17.65 4.73 17.65
N ARG C 58 17.19 5.19 18.82
CA ARG C 58 17.07 4.30 19.99
C ARG C 58 15.96 3.28 19.71
N GLU C 59 14.82 3.70 19.16
CA GLU C 59 13.75 2.76 18.75
C GLU C 59 14.28 1.72 17.75
N LEU C 60 15.08 2.16 16.77
CA LEU C 60 15.66 1.29 15.71
C LEU C 60 16.44 0.16 16.37
N VAL C 61 17.22 0.46 17.42
CA VAL C 61 18.04 -0.55 18.13
C VAL C 61 17.12 -1.57 18.79
N HIS C 62 16.03 -1.13 19.41
CA HIS C 62 15.07 -2.08 20.05
C HIS C 62 14.25 -2.83 19.00
N MET C 63 14.03 -2.21 17.85
CA MET C 63 13.23 -2.81 16.74
C MET C 63 13.97 -4.04 16.17
N ILE C 64 15.29 -3.92 16.00
CA ILE C 64 16.15 -5.04 15.55
C ILE C 64 15.99 -6.24 16.47
N ASN C 65 15.85 -6.03 17.78
CA ASN C 65 15.68 -7.15 18.75
C ASN C 65 14.25 -7.64 18.70
N TRP C 66 13.31 -6.73 18.40
CA TRP C 66 11.88 -7.11 18.28
C TRP C 66 11.76 -8.00 17.04
N ALA C 67 12.40 -7.61 15.94
CA ALA C 67 12.29 -8.33 14.65
C ALA C 67 12.65 -9.80 14.90
N LYS C 68 13.82 -10.02 15.50
CA LYS C 68 14.32 -11.38 15.83
C LYS C 68 13.24 -12.20 16.53
N ARG C 69 12.24 -11.60 17.19
CA ARG C 69 11.25 -12.39 18.01
C ARG C 69 9.95 -12.59 17.23
N VAL C 70 9.83 -11.97 16.06
CA VAL C 70 8.60 -12.07 15.25
C VAL C 70 8.63 -13.43 14.59
N PRO C 71 7.65 -14.31 14.90
CA PRO C 71 7.64 -15.66 14.37
C PRO C 71 7.89 -15.58 12.86
N GLY C 72 8.92 -16.31 12.43
CA GLY C 72 9.23 -16.54 11.02
C GLY C 72 10.40 -15.72 10.59
N PHE C 73 10.70 -14.63 11.28
CA PHE C 73 11.71 -13.65 10.79
C PHE C 73 13.10 -14.29 10.82
N VAL C 74 13.35 -15.02 11.90
CA VAL C 74 14.70 -15.57 12.18
C VAL C 74 15.00 -16.73 11.19
N ASP C 75 13.98 -17.38 10.65
CA ASP C 75 14.14 -18.47 9.64
C ASP C 75 14.75 -17.90 8.35
N LEU C 76 14.73 -16.60 8.10
CA LEU C 76 15.20 -15.97 6.85
C LEU C 76 16.73 -15.85 6.88
N THR C 77 17.35 -15.71 5.71
CA THR C 77 18.77 -15.35 5.60
C THR C 77 18.95 -14.00 6.29
N LEU C 78 20.20 -13.65 6.56
CA LEU C 78 20.61 -12.38 7.20
C LEU C 78 20.41 -11.21 6.23
N HIS C 79 20.62 -11.41 4.93
CA HIS C 79 20.46 -10.36 3.91
C HIS C 79 18.96 -10.05 3.75
N ASP C 80 18.08 -11.04 3.96
CA ASP C 80 16.61 -10.86 3.81
C ASP C 80 16.06 -10.15 5.05
N GLN C 81 16.49 -10.61 6.24
CA GLN C 81 16.21 -9.94 7.53
C GLN C 81 16.54 -8.46 7.41
N VAL C 82 17.72 -8.15 6.88
CA VAL C 82 18.25 -6.77 6.76
C VAL C 82 17.42 -6.02 5.72
N HIS C 83 17.07 -6.68 4.61
CA HIS C 83 16.30 -6.03 3.52
C HIS C 83 14.91 -5.68 4.07
N LEU C 84 14.26 -6.61 4.78
CA LEU C 84 12.93 -6.33 5.37
C LEU C 84 13.03 -5.10 6.28
N LEU C 85 14.07 -5.01 7.14
CA LEU C 85 14.15 -3.89 8.11
C LEU C 85 14.43 -2.57 7.41
N GLU C 86 15.33 -2.52 6.41
CA GLU C 86 15.57 -1.31 5.56
C GLU C 86 14.24 -0.82 4.95
N CYS C 87 13.38 -1.73 4.51
CA CYS C 87 12.13 -1.33 3.80
C CYS C 87 11.07 -0.92 4.80
N ALA C 88 10.99 -1.56 5.97
CA ALA C 88 9.83 -1.40 6.86
C ALA C 88 10.10 -0.42 8.04
N TRP C 89 11.31 0.06 8.29
CA TRP C 89 11.62 0.61 9.65
C TRP C 89 10.74 1.83 9.92
N LEU C 90 10.62 2.77 8.97
CA LEU C 90 9.83 4.00 9.19
C LEU C 90 8.36 3.62 9.30
N GLU C 91 7.91 2.64 8.52
CA GLU C 91 6.52 2.12 8.66
C GLU C 91 6.30 1.64 10.09
N ILE C 92 7.24 0.88 10.64
CA ILE C 92 7.12 0.27 12.00
C ILE C 92 7.12 1.38 13.04
N LEU C 93 7.98 2.40 12.90
CA LEU C 93 8.03 3.57 13.82
C LEU C 93 6.67 4.26 13.75
N MET C 94 6.14 4.46 12.54
CA MET C 94 4.87 5.20 12.37
C MET C 94 3.68 4.42 12.92
N ILE C 95 3.53 3.14 12.65
CA ILE C 95 2.34 2.43 13.22
C ILE C 95 2.44 2.43 14.75
N GLY C 96 3.65 2.40 15.30
CA GLY C 96 3.89 2.46 16.75
C GLY C 96 3.35 3.75 17.33
N LEU C 97 3.75 4.87 16.73
CA LEU C 97 3.30 6.24 17.08
C LEU C 97 1.77 6.34 17.01
N VAL C 98 1.15 5.84 15.94
CA VAL C 98 -0.33 6.01 15.76
C VAL C 98 -1.02 5.14 16.79
N TRP C 99 -0.44 3.98 17.13
CA TRP C 99 -1.03 3.15 18.20
C TRP C 99 -0.98 3.94 19.54
N ARG C 100 0.20 4.45 19.92
CA ARG C 100 0.39 5.12 21.22
C ARG C 100 -0.47 6.39 21.28
N SER C 101 -0.75 7.01 20.13
CA SER C 101 -1.41 8.34 20.03
C SER C 101 -2.92 8.20 19.91
N MET C 102 -3.49 7.00 20.01
CA MET C 102 -4.95 6.79 19.81
C MET C 102 -5.77 7.55 20.86
N GLU C 103 -5.43 7.40 22.13
CA GLU C 103 -6.23 7.93 23.26
C GLU C 103 -5.77 9.36 23.56
N HIS C 104 -5.43 10.15 22.53
CA HIS C 104 -4.85 11.53 22.62
C HIS C 104 -5.13 12.30 21.33
N PRO C 105 -6.41 12.60 21.03
CA PRO C 105 -6.76 13.36 19.83
C PRO C 105 -5.93 14.64 19.58
N GLY C 106 -5.75 15.01 18.31
CA GLY C 106 -4.91 16.15 17.88
C GLY C 106 -3.50 16.10 18.45
N LYS C 107 -3.00 14.95 18.94
CA LYS C 107 -1.58 14.91 19.34
C LYS C 107 -0.92 13.61 18.90
N LEU C 108 0.38 13.68 18.67
CA LEU C 108 1.28 12.54 18.43
C LEU C 108 2.13 12.29 19.68
N LEU C 109 1.88 11.17 20.39
CA LEU C 109 2.64 10.70 21.58
C LEU C 109 3.92 10.01 21.12
N PHE C 110 4.93 10.77 20.70
CA PHE C 110 6.26 10.24 20.30
C PHE C 110 6.93 9.50 21.46
N ALA C 111 6.79 10.00 22.68
CA ALA C 111 7.21 9.30 23.93
C ALA C 111 6.27 9.75 25.04
N PRO C 112 6.17 9.05 26.20
CA PRO C 112 5.27 9.49 27.27
C PRO C 112 5.57 10.91 27.73
N ASN C 113 6.83 11.36 27.60
CA ASN C 113 7.29 12.72 27.93
C ASN C 113 7.49 13.57 26.66
N LEU C 114 6.83 13.28 25.54
CA LEU C 114 7.02 14.07 24.28
C LEU C 114 5.78 13.92 23.43
N LEU C 115 4.79 14.73 23.76
CA LEU C 115 3.44 14.78 23.17
C LEU C 115 3.34 16.09 22.38
N LEU C 116 3.26 16.01 21.04
CA LEU C 116 3.27 17.18 20.14
C LEU C 116 1.93 17.27 19.42
N ASP C 117 1.36 18.48 19.29
CA ASP C 117 0.22 18.74 18.36
C ASP C 117 0.84 19.18 17.00
N ARG C 118 0.02 19.26 15.96
CA ARG C 118 0.47 19.44 14.54
C ARG C 118 1.22 20.78 14.33
N ASN C 119 1.24 21.68 15.31
CA ASN C 119 1.78 23.06 15.19
C ASN C 119 3.29 23.08 15.52
N GLN C 120 3.86 21.98 16.04
CA GLN C 120 5.33 21.82 16.20
C GLN C 120 5.93 21.22 14.91
N GLY C 121 5.10 20.54 14.10
CA GLY C 121 5.44 20.09 12.73
C GLY C 121 5.77 21.28 11.85
N LYS C 122 5.10 22.41 12.11
CA LYS C 122 5.29 23.72 11.42
C LYS C 122 6.77 24.14 11.44
N CYS C 123 7.56 23.65 12.40
CA CYS C 123 9.02 23.93 12.53
C CYS C 123 9.74 23.64 11.21
N VAL C 124 9.71 22.38 10.75
CA VAL C 124 10.20 22.00 9.39
C VAL C 124 9.07 21.23 8.68
N GLY C 126 7.86 20.47 5.50
CA GLY C 126 6.48 19.95 5.29
C GLY C 126 6.24 18.71 6.11
N MET C 127 6.50 18.79 7.42
CA MET C 127 6.16 17.77 8.44
C MET C 127 4.64 17.76 8.66
N VAL C 128 4.04 18.95 8.68
CA VAL C 128 2.57 19.15 8.89
C VAL C 128 1.80 18.16 8.00
N GLU C 129 2.26 17.96 6.77
CA GLU C 129 1.75 16.94 5.82
C GLU C 129 1.66 15.60 6.57
N ILE C 130 2.82 15.08 6.94
CA ILE C 130 2.93 13.72 7.53
C ILE C 130 2.23 13.72 8.89
N PHE C 131 2.28 14.80 9.69
CA PHE C 131 1.67 14.81 11.05
C PHE C 131 0.15 14.70 10.93
N ASP C 132 -0.44 15.37 9.95
CA ASP C 132 -1.91 15.34 9.76
C ASP C 132 -2.34 13.93 9.32
N MET C 133 -1.58 13.30 8.43
CA MET C 133 -1.81 11.90 7.97
C MET C 133 -1.66 10.95 9.17
N LEU C 134 -0.59 11.11 9.94
CA LEU C 134 -0.33 10.32 11.17
C LEU C 134 -1.50 10.51 12.15
N LEU C 135 -1.91 11.76 12.39
CA LEU C 135 -3.08 12.08 13.26
C LEU C 135 -4.35 11.40 12.73
N ALA C 136 -4.61 11.49 11.43
CA ALA C 136 -5.82 10.88 10.85
C ALA C 136 -5.75 9.35 10.94
N THR C 137 -4.55 8.75 10.80
CA THR C 137 -4.36 7.29 10.96
C THR C 137 -4.75 6.94 12.41
N SER C 138 -4.27 7.71 13.37
CA SER C 138 -4.54 7.47 14.82
C SER C 138 -6.04 7.54 15.10
N SER C 139 -6.76 8.51 14.54
CA SER C 139 -8.24 8.66 14.74
C SER C 139 -8.97 7.46 14.16
N ARG C 140 -8.56 7.00 12.98
CA ARG C 140 -9.22 5.81 12.36
C ARG C 140 -9.02 4.62 13.30
N PHE C 141 -7.82 4.38 13.84
CA PHE C 141 -7.63 3.28 14.82
C PHE C 141 -8.55 3.46 16.04
N ARG C 142 -8.68 4.69 16.57
CA ARG C 142 -9.59 4.99 17.72
C ARG C 142 -11.03 4.67 17.33
N MET C 143 -11.51 5.23 16.22
CA MET C 143 -12.85 4.94 15.66
C MET C 143 -13.09 3.43 15.74
N MET C 144 -12.18 2.65 15.15
CA MET C 144 -12.24 1.16 15.04
C MET C 144 -11.97 0.49 16.38
N ASN C 145 -11.52 1.21 17.38
CA ASN C 145 -11.18 0.59 18.69
C ASN C 145 -10.17 -0.56 18.44
N LEU C 146 -9.08 -0.25 17.74
CA LEU C 146 -8.01 -1.23 17.46
C LEU C 146 -7.55 -1.78 18.82
N GLN C 147 -7.45 -3.10 18.93
CA GLN C 147 -6.92 -3.79 20.12
C GLN C 147 -5.40 -3.97 20.02
N GLY C 148 -4.75 -4.02 21.18
CA GLY C 148 -3.32 -4.37 21.33
C GLY C 148 -2.92 -5.56 20.48
N GLU C 149 -3.73 -6.62 20.50
CA GLU C 149 -3.42 -7.93 19.84
C GLU C 149 -3.45 -7.79 18.31
N GLU C 150 -4.38 -6.97 17.79
CA GLU C 150 -4.49 -6.63 16.34
C GLU C 150 -3.28 -5.79 15.96
N PHE C 151 -2.97 -4.81 16.79
CA PHE C 151 -1.86 -3.88 16.52
C PHE C 151 -0.57 -4.66 16.28
N VAL C 152 -0.27 -5.66 17.13
CA VAL C 152 1.02 -6.41 17.04
C VAL C 152 0.98 -7.31 15.78
N CYS C 153 -0.19 -7.81 15.40
CA CYS C 153 -0.33 -8.59 14.14
C CYS C 153 -0.05 -7.64 12.97
N LEU C 154 -0.60 -6.42 13.01
CA LEU C 154 -0.40 -5.46 11.89
C LEU C 154 1.09 -5.11 11.80
N LYS C 155 1.71 -4.83 12.94
CA LYS C 155 3.13 -4.41 12.97
C LYS C 155 3.97 -5.52 12.35
N SER C 156 3.58 -6.77 12.55
CA SER C 156 4.34 -7.95 12.07
C SER C 156 4.14 -8.15 10.56
N ILE C 157 2.95 -7.88 10.06
CA ILE C 157 2.64 -7.91 8.60
C ILE C 157 3.52 -6.86 7.90
N ILE C 158 3.70 -5.72 8.49
CA ILE C 158 4.47 -4.64 7.83
C ILE C 158 5.92 -5.12 7.65
N LEU C 159 6.54 -5.66 8.71
CA LEU C 159 7.92 -6.20 8.66
C LEU C 159 8.05 -7.24 7.55
N LEU C 160 7.16 -8.22 7.50
CA LEU C 160 7.27 -9.36 6.55
C LEU C 160 6.85 -8.93 5.16
N ASN C 161 5.91 -7.99 5.06
CA ASN C 161 5.28 -7.62 3.77
C ASN C 161 6.08 -6.54 3.02
N SER C 162 6.68 -5.55 3.65
CA SER C 162 6.96 -4.29 2.91
C SER C 162 8.15 -4.47 1.95
N GLY C 163 8.95 -5.51 2.12
CA GLY C 163 10.14 -5.78 1.31
C GLY C 163 10.06 -7.09 0.54
N VAL C 164 8.98 -7.88 0.70
CA VAL C 164 8.85 -9.26 0.14
C VAL C 164 8.96 -9.22 -1.40
N TYR C 165 8.44 -8.18 -2.07
CA TYR C 165 8.41 -8.06 -3.55
C TYR C 165 9.52 -7.12 -4.03
N THR C 166 10.61 -6.95 -3.25
CA THR C 166 11.88 -6.35 -3.73
C THR C 166 13.10 -7.14 -3.20
N PHE C 167 13.04 -8.49 -3.17
CA PHE C 167 14.21 -9.36 -2.90
C PHE C 167 15.10 -9.38 -4.15
N SER C 170 17.38 -12.54 -7.47
CA SER C 170 16.39 -13.62 -7.68
C SER C 170 17.10 -14.96 -7.92
N THR C 171 17.05 -15.84 -6.93
CA THR C 171 17.66 -17.21 -6.89
C THR C 171 16.56 -18.20 -6.50
N LEU C 172 16.90 -19.50 -6.43
CA LEU C 172 16.05 -20.55 -5.82
C LEU C 172 15.77 -20.16 -4.36
N LYS C 173 16.80 -19.72 -3.63
CA LYS C 173 16.72 -19.45 -2.17
C LYS C 173 15.67 -18.37 -1.93
N SER C 174 15.81 -17.23 -2.61
CA SER C 174 14.82 -16.12 -2.65
C SER C 174 13.39 -16.65 -2.80
N LEU C 175 13.14 -17.66 -3.66
CA LEU C 175 11.77 -18.20 -3.87
C LEU C 175 11.31 -18.84 -2.56
N GLU C 176 12.12 -19.70 -1.98
CA GLU C 176 11.79 -20.33 -0.66
C GLU C 176 11.49 -19.25 0.38
N GLU C 177 12.33 -18.20 0.45
CA GLU C 177 12.20 -17.05 1.38
C GLU C 177 10.83 -16.36 1.23
N LYS C 178 10.44 -15.94 0.02
CA LYS C 178 9.09 -15.39 -0.31
C LYS C 178 8.00 -16.38 0.13
N ASP C 179 8.14 -17.64 -0.21
CA ASP C 179 7.18 -18.68 0.20
C ASP C 179 6.99 -18.78 1.71
N HIS C 180 8.10 -18.88 2.46
CA HIS C 180 8.11 -18.90 3.94
C HIS C 180 7.29 -17.70 4.42
N ILE C 181 7.62 -16.52 3.90
CA ILE C 181 6.99 -15.25 4.35
C ILE C 181 5.48 -15.26 4.12
N HIS C 182 5.05 -15.74 2.95
CA HIS C 182 3.62 -15.81 2.57
C HIS C 182 2.90 -16.76 3.51
N ARG C 183 3.52 -17.88 3.83
CA ARG C 183 2.96 -18.86 4.82
C ARG C 183 2.76 -18.17 6.17
N VAL C 184 3.72 -17.36 6.59
CA VAL C 184 3.68 -16.71 7.94
C VAL C 184 2.58 -15.63 7.90
N LEU C 185 2.53 -14.84 6.83
CA LEU C 185 1.48 -13.79 6.64
C LEU C 185 0.13 -14.44 6.70
N ASP C 186 -0.01 -15.61 6.07
CA ASP C 186 -1.30 -16.34 6.10
C ASP C 186 -1.65 -16.67 7.54
N LYS C 187 -0.66 -17.06 8.34
CA LYS C 187 -0.84 -17.40 9.77
C LYS C 187 -1.27 -16.19 10.59
N ILE C 188 -0.59 -15.07 10.33
CA ILE C 188 -0.96 -13.80 10.99
C ILE C 188 -2.40 -13.46 10.61
N THR C 189 -2.85 -13.81 9.40
CA THR C 189 -4.24 -13.55 8.93
C THR C 189 -5.22 -14.42 9.71
N ASP C 190 -4.91 -15.72 9.81
CA ASP C 190 -5.66 -16.70 10.62
C ASP C 190 -5.79 -16.15 12.04
N THR C 191 -4.71 -15.55 12.55
CA THR C 191 -4.66 -15.00 13.92
C THR C 191 -5.62 -13.82 14.03
N LEU C 192 -5.53 -12.83 13.12
CA LEU C 192 -6.41 -11.63 13.17
C LEU C 192 -7.88 -12.07 13.14
N ILE C 193 -8.20 -13.02 12.28
CA ILE C 193 -9.60 -13.54 12.17
C ILE C 193 -9.99 -14.18 13.51
N HIS C 194 -9.13 -15.05 14.02
CA HIS C 194 -9.34 -15.70 15.34
C HIS C 194 -9.70 -14.65 16.40
N LEU C 195 -8.83 -13.66 16.62
CA LEU C 195 -9.10 -12.57 17.58
C LEU C 195 -10.49 -12.00 17.33
N MET C 196 -10.88 -11.89 16.05
CA MET C 196 -12.07 -11.10 15.71
C MET C 196 -13.32 -11.90 16.09
N ALA C 197 -13.34 -13.19 15.80
CA ALA C 197 -14.43 -14.11 16.13
C ALA C 197 -14.55 -14.16 17.65
N LYS C 198 -13.42 -14.22 18.34
CA LYS C 198 -13.30 -14.26 19.83
C LYS C 198 -14.03 -13.05 20.39
N ALA C 199 -13.91 -11.88 19.78
CA ALA C 199 -14.64 -10.67 20.22
C ALA C 199 -16.12 -10.71 19.79
N GLY C 200 -16.57 -11.74 19.09
CA GLY C 200 -17.99 -11.98 18.79
C GLY C 200 -18.46 -11.25 17.54
N LEU C 201 -17.55 -10.81 16.67
CA LEU C 201 -17.91 -10.26 15.33
C LEU C 201 -18.50 -11.40 14.49
N THR C 202 -19.48 -11.13 13.63
CA THR C 202 -19.93 -12.12 12.62
C THR C 202 -18.79 -12.34 11.61
N LEU C 203 -18.97 -13.29 10.70
CA LEU C 203 -18.01 -13.59 9.62
C LEU C 203 -17.86 -12.33 8.77
N GLN C 204 -18.98 -11.74 8.38
CA GLN C 204 -19.02 -10.51 7.53
C GLN C 204 -18.23 -9.40 8.24
N GLN C 205 -18.50 -9.16 9.52
CA GLN C 205 -17.79 -8.12 10.31
C GLN C 205 -16.30 -8.45 10.39
N GLN C 206 -15.97 -9.73 10.39
CA GLN C 206 -14.56 -10.17 10.51
C GLN C 206 -13.86 -9.84 9.19
N HIS C 207 -14.42 -10.27 8.09
CA HIS C 207 -13.79 -10.00 6.79
C HIS C 207 -13.76 -8.49 6.50
N GLN C 208 -14.73 -7.74 6.98
CA GLN C 208 -14.72 -6.27 6.75
C GLN C 208 -13.65 -5.62 7.60
N ARG C 209 -13.47 -6.10 8.83
CA ARG C 209 -12.44 -5.51 9.74
C ARG C 209 -11.03 -5.89 9.23
N LEU C 210 -10.85 -7.12 8.76
CA LEU C 210 -9.55 -7.54 8.18
C LEU C 210 -9.17 -6.57 7.04
N ALA C 211 -10.07 -6.43 6.06
CA ALA C 211 -9.92 -5.48 4.92
C ALA C 211 -9.64 -4.07 5.44
N GLN C 212 -10.41 -3.54 6.38
CA GLN C 212 -10.19 -2.14 6.82
C GLN C 212 -8.78 -1.99 7.39
N LEU C 213 -8.30 -2.95 8.19
CA LEU C 213 -6.95 -2.85 8.81
C LEU C 213 -5.89 -2.95 7.72
N LEU C 214 -6.05 -3.88 6.77
CA LEU C 214 -5.02 -4.06 5.72
C LEU C 214 -4.99 -2.83 4.79
N LEU C 215 -6.14 -2.21 4.55
CA LEU C 215 -6.16 -1.00 3.70
C LEU C 215 -5.41 0.12 4.42
N ILE C 216 -5.51 0.20 5.74
CA ILE C 216 -4.72 1.22 6.50
C ILE C 216 -3.24 0.97 6.30
N LEU C 217 -2.77 -0.28 6.14
CA LEU C 217 -1.33 -0.57 5.88
C LEU C 217 -0.86 0.16 4.61
N SER C 218 -1.70 0.27 3.58
CA SER C 218 -1.26 0.99 2.38
C SER C 218 -1.09 2.49 2.68
N HIS C 219 -1.92 3.06 3.55
CA HIS C 219 -1.74 4.49 3.96
C HIS C 219 -0.45 4.62 4.76
N ILE C 220 -0.16 3.69 5.68
CA ILE C 220 1.15 3.72 6.43
C ILE C 220 2.33 3.60 5.46
N ARG C 221 2.27 2.71 4.47
CA ARG C 221 3.32 2.66 3.43
C ARG C 221 3.50 4.07 2.83
N HIS C 222 2.39 4.75 2.56
CA HIS C 222 2.36 6.07 1.87
C HIS C 222 3.02 7.11 2.76
N MET C 223 2.68 7.13 4.04
CA MET C 223 3.34 8.09 4.98
C MET C 223 4.83 7.80 5.05
N SER C 224 5.21 6.53 5.10
CA SER C 224 6.66 6.16 5.10
C SER C 224 7.30 6.70 3.82
N ASN C 225 6.70 6.49 2.66
CA ASN C 225 7.32 6.96 1.38
C ASN C 225 7.51 8.47 1.43
N LYS C 226 6.48 9.23 1.83
CA LYS C 226 6.51 10.70 1.92
C LYS C 226 7.51 11.09 3.02
N GLY C 227 7.55 10.34 4.11
CA GLY C 227 8.50 10.61 5.20
C GLY C 227 9.94 10.47 4.74
N MET C 228 10.23 9.50 3.87
CA MET C 228 11.61 9.22 3.38
C MET C 228 12.03 10.30 2.38
N GLU C 229 11.10 10.84 1.58
CA GLU C 229 11.34 11.96 0.64
C GLU C 229 11.81 13.16 1.45
N HIS C 230 11.01 13.57 2.44
CA HIS C 230 11.20 14.80 3.25
C HIS C 230 12.26 14.58 4.35
N LEU C 231 12.90 13.41 4.40
CA LEU C 231 13.95 13.05 5.39
C LEU C 231 15.30 13.01 4.66
N TYR C 232 15.38 12.22 3.59
CA TYR C 232 16.54 12.14 2.65
C TYR C 232 16.83 13.53 2.07
N SER C 233 15.82 14.40 2.00
CA SER C 233 15.93 15.85 1.68
C SER C 233 17.20 16.42 2.30
N LEU C 246 21.42 4.46 11.77
CA LEU C 246 21.09 4.38 10.31
C LEU C 246 22.13 5.19 9.52
N LEU C 247 21.66 6.08 8.62
CA LEU C 247 22.44 6.77 7.55
C LEU C 247 22.52 5.80 6.37
N GLU C 248 21.78 4.70 6.40
CA GLU C 248 21.91 3.53 5.49
C GLU C 248 20.71 2.60 5.68
N ALA D 1 25.99 -1.43 6.48
CA ALA D 1 26.21 -2.72 7.19
C ALA D 1 26.22 -2.52 8.71
N ILE D 2 25.59 -1.44 9.21
CA ILE D 2 25.36 -1.19 10.68
C ILE D 2 24.12 -1.97 11.11
N LEU D 3 23.35 -2.46 10.12
CA LEU D 3 22.15 -3.30 10.30
C LEU D 3 22.58 -4.78 10.28
N HIS D 4 23.64 -5.11 9.54
CA HIS D 4 24.36 -6.41 9.60
C HIS D 4 25.03 -6.56 10.97
N ARG D 5 25.62 -5.47 11.49
CA ARG D 5 26.23 -5.41 12.86
C ARG D 5 25.17 -5.81 13.90
N LEU D 6 23.99 -5.20 13.84
CA LEU D 6 22.96 -5.30 14.90
C LEU D 6 22.24 -6.66 14.80
N LEU D 7 22.13 -7.26 13.60
CA LEU D 7 21.46 -8.58 13.37
C LEU D 7 22.43 -9.77 13.53
N GLN D 8 23.62 -9.74 12.89
CA GLN D 8 24.62 -10.86 12.90
C GLN D 8 24.98 -11.21 14.34
#